data_3VP1
#
_entry.id   3VP1
#
_cell.length_a   139.638
_cell.length_b   139.638
_cell.length_c   156.474
_cell.angle_alpha   90.00
_cell.angle_beta   90.00
_cell.angle_gamma   90.00
#
_symmetry.space_group_name_H-M   'I 41 2 2'
#
loop_
_entity.id
_entity.type
_entity.pdbx_description
1 polymer 'Glutaminase kidney isoform, mitochondrial'
2 non-polymer "N,N'-[sulfanediylbis(ethane-2,1-diyl-1,3,4-thiadiazole-5,2-diyl)]bis(2-phenylacetamide)"
3 non-polymer 'GLUTAMIC ACID'
4 non-polymer 'SULFATE ION'
5 water water
#
_entity_poly.entity_id   1
_entity_poly.type   'polypeptide(L)'
_entity_poly.pdbx_seq_one_letter_code
;SMIPDFMSFTSHIDELYESAKKQSGGKVADYIPQLAKFSPDLWGVSVCTVDGQRHSTGDTKVPFCLQSCVKPLKYAIAVN
DLGTEYVHRYVGKEPSGLRFNKLFLNEDDKPHNPMVNAGAIVVTSLIKQGVNNAEKFDYVMQFLNKMAGNEYVGFSNATF
QSERESGDRNFAIGYYLKEKKCFPEGTDMVGILDFYFQLCSIEVTCESASVMAATLANGGFCPITGERVLSPEAVRNTLS
LMHSCGMYDFSGQFAFHVGLPAKSGVAGGILLVVPNVMGMMCWSPPLDKMGNSVKGIHFCHDLVSLCNFHNYDNL
;
_entity_poly.pdbx_strand_id   A
#
# COMPACT_ATOMS: atom_id res chain seq x y z
N SER A 1 -6.80 5.72 -23.24
CA SER A 1 -6.81 4.35 -23.82
C SER A 1 -5.51 4.02 -24.55
N MET A 2 -4.49 3.68 -23.77
CA MET A 2 -3.18 3.30 -24.28
C MET A 2 -3.16 1.81 -24.56
N ILE A 3 -4.31 1.17 -24.37
CA ILE A 3 -4.46 -0.25 -24.60
C ILE A 3 -5.55 -0.47 -25.63
N PRO A 4 -5.20 -0.39 -26.93
CA PRO A 4 -6.17 -0.58 -28.01
C PRO A 4 -6.87 -1.94 -27.95
N ASP A 5 -6.12 -2.98 -27.64
CA ASP A 5 -6.67 -4.34 -27.55
C ASP A 5 -6.34 -4.99 -26.21
N PHE A 6 -7.34 -5.08 -25.33
CA PHE A 6 -7.14 -5.67 -24.01
C PHE A 6 -6.58 -7.08 -24.07
N MET A 7 -7.12 -7.90 -24.98
CA MET A 7 -6.67 -9.27 -25.13
C MET A 7 -5.20 -9.42 -25.46
N SER A 8 -4.69 -8.58 -26.36
CA SER A 8 -3.28 -8.65 -26.72
C SER A 8 -2.42 -8.25 -25.53
N PHE A 9 -2.85 -7.22 -24.82
CA PHE A 9 -2.15 -6.72 -23.63
C PHE A 9 -2.09 -7.85 -22.58
N THR A 10 -3.20 -8.56 -22.45
CA THR A 10 -3.32 -9.67 -21.52
C THR A 10 -2.26 -10.71 -21.84
N SER A 11 -2.03 -10.90 -23.13
CA SER A 11 -1.05 -11.85 -23.61
C SER A 11 0.37 -11.41 -23.23
N HIS A 12 0.60 -10.10 -23.22
CA HIS A 12 1.91 -9.58 -22.84
C HIS A 12 2.12 -9.67 -21.33
N ILE A 13 1.03 -9.54 -20.57
CA ILE A 13 1.10 -9.63 -19.12
C ILE A 13 1.59 -11.02 -18.73
N ASP A 14 1.09 -12.04 -19.43
CA ASP A 14 1.48 -13.42 -19.13
C ASP A 14 2.96 -13.64 -19.44
N GLU A 15 3.46 -13.01 -20.50
CA GLU A 15 4.87 -13.15 -20.85
C GLU A 15 5.76 -12.52 -19.77
N LEU A 16 5.38 -11.32 -19.34
CA LEU A 16 6.13 -10.62 -18.31
C LEU A 16 6.07 -11.45 -17.03
N TYR A 17 4.88 -11.97 -16.72
CA TYR A 17 4.70 -12.79 -15.53
C TYR A 17 5.64 -13.99 -15.57
N GLU A 18 5.66 -14.65 -16.72
CA GLU A 18 6.49 -15.83 -16.94
C GLU A 18 7.97 -15.46 -16.79
N SER A 19 8.35 -14.31 -17.31
CA SER A 19 9.72 -13.85 -17.23
C SER A 19 10.16 -13.63 -15.78
N ALA A 20 9.35 -12.90 -15.02
CA ALA A 20 9.66 -12.60 -13.62
C ALA A 20 9.71 -13.87 -12.78
N LYS A 21 8.97 -14.89 -13.21
CA LYS A 21 8.90 -16.15 -12.51
C LYS A 21 10.27 -16.82 -12.36
N LYS A 22 11.18 -16.54 -13.29
CA LYS A 22 12.52 -17.11 -13.26
C LYS A 22 13.38 -16.46 -12.19
N GLN A 23 13.01 -15.25 -11.79
CA GLN A 23 13.75 -14.53 -10.76
C GLN A 23 13.42 -15.16 -9.42
N SER A 24 14.38 -15.87 -8.83
CA SER A 24 14.14 -16.55 -7.57
C SER A 24 14.92 -16.04 -6.37
N GLY A 25 15.65 -14.95 -6.54
CA GLY A 25 16.40 -14.39 -5.43
C GLY A 25 15.50 -13.79 -4.37
N GLY A 26 16.10 -13.31 -3.28
CA GLY A 26 15.32 -12.70 -2.23
C GLY A 26 15.09 -13.57 -1.00
N LYS A 27 14.52 -12.97 0.03
CA LYS A 27 14.27 -13.69 1.27
C LYS A 27 12.88 -13.37 1.80
N VAL A 28 12.12 -14.42 2.12
CA VAL A 28 10.78 -14.25 2.67
C VAL A 28 10.93 -13.64 4.05
N ALA A 29 10.14 -12.63 4.37
CA ALA A 29 10.24 -11.98 5.68
C ALA A 29 10.00 -13.03 6.76
N ASP A 30 10.78 -12.96 7.84
CA ASP A 30 10.63 -13.95 8.89
C ASP A 30 10.69 -13.39 10.29
N TYR A 31 10.40 -12.11 10.47
CA TYR A 31 10.45 -11.56 11.81
C TYR A 31 9.31 -12.13 12.66
N ILE A 32 8.26 -12.62 11.98
CA ILE A 32 7.14 -13.29 12.67
C ILE A 32 6.85 -14.57 11.90
N PRO A 33 6.29 -15.58 12.58
CA PRO A 33 5.97 -16.86 11.94
C PRO A 33 4.95 -16.77 10.82
N GLN A 34 3.97 -15.89 10.98
CA GLN A 34 2.92 -15.75 9.99
C GLN A 34 3.44 -15.33 8.62
N LEU A 35 4.61 -14.69 8.59
CA LEU A 35 5.19 -14.28 7.32
C LEU A 35 6.18 -15.33 6.85
N ALA A 36 6.85 -15.96 7.80
CA ALA A 36 7.86 -16.97 7.51
C ALA A 36 7.30 -18.23 6.86
N LYS A 37 6.03 -18.53 7.14
CA LYS A 37 5.34 -19.71 6.60
C LYS A 37 5.24 -19.72 5.09
N PHE A 38 5.10 -18.53 4.49
CA PHE A 38 4.90 -18.44 3.04
C PHE A 38 5.96 -19.00 2.12
N SER A 39 5.48 -19.75 1.14
CA SER A 39 6.35 -20.35 0.15
C SER A 39 6.95 -19.26 -0.74
N PRO A 40 8.26 -19.38 -1.03
CA PRO A 40 8.96 -18.40 -1.88
C PRO A 40 8.52 -18.46 -3.34
N ASP A 41 7.84 -19.54 -3.72
CA ASP A 41 7.39 -19.68 -5.11
C ASP A 41 6.01 -19.12 -5.40
N LEU A 42 5.33 -18.57 -4.38
CA LEU A 42 4.01 -18.00 -4.64
C LEU A 42 4.28 -16.75 -5.50
N TRP A 43 3.50 -16.59 -6.57
CA TRP A 43 3.67 -15.47 -7.49
C TRP A 43 2.39 -15.26 -8.28
N GLY A 44 1.82 -14.07 -8.14
CA GLY A 44 0.59 -13.76 -8.85
C GLY A 44 0.53 -12.31 -9.28
N VAL A 45 -0.23 -12.04 -10.34
CA VAL A 45 -0.40 -10.70 -10.87
C VAL A 45 -1.84 -10.53 -11.33
N SER A 46 -2.54 -9.55 -10.77
CA SER A 46 -3.92 -9.27 -11.18
C SER A 46 -3.99 -7.85 -11.73
N VAL A 47 -4.81 -7.68 -12.76
CA VAL A 47 -5.00 -6.39 -13.41
C VAL A 47 -6.48 -6.05 -13.46
N CYS A 48 -6.80 -4.77 -13.23
CA CYS A 48 -8.17 -4.28 -13.29
C CYS A 48 -8.12 -2.89 -13.91
N THR A 49 -8.59 -2.77 -15.14
CA THR A 49 -8.57 -1.49 -15.84
C THR A 49 -9.60 -0.50 -15.32
N VAL A 50 -9.51 0.71 -15.83
CA VAL A 50 -10.43 1.77 -15.47
C VAL A 50 -11.79 1.42 -16.07
N ASP A 51 -11.76 0.50 -17.02
CA ASP A 51 -12.95 -0.01 -17.72
C ASP A 51 -13.71 -0.99 -16.84
N GLY A 52 -12.95 -1.84 -16.16
CA GLY A 52 -13.54 -2.84 -15.29
C GLY A 52 -13.16 -4.20 -15.87
N GLN A 53 -12.26 -4.16 -16.85
CA GLN A 53 -11.79 -5.39 -17.48
C GLN A 53 -10.74 -6.02 -16.56
N ARG A 54 -10.83 -7.34 -16.38
CA ARG A 54 -9.94 -8.07 -15.50
C ARG A 54 -9.04 -9.10 -16.17
N HIS A 55 -8.01 -9.52 -15.44
CA HIS A 55 -7.08 -10.54 -15.90
C HIS A 55 -6.11 -10.92 -14.79
N SER A 56 -6.00 -12.21 -14.53
CA SER A 56 -5.11 -12.71 -13.49
C SER A 56 -4.26 -13.87 -13.97
N THR A 57 -3.07 -13.99 -13.40
CA THR A 57 -2.14 -15.06 -13.73
C THR A 57 -1.40 -15.42 -12.45
N GLY A 58 -1.23 -16.71 -12.21
CA GLY A 58 -0.54 -17.15 -11.01
C GLY A 58 -1.43 -17.27 -9.78
N ASP A 59 -0.81 -17.19 -8.61
CA ASP A 59 -1.50 -17.33 -7.33
C ASP A 59 -2.23 -16.07 -6.93
N THR A 60 -3.31 -15.78 -7.64
CA THR A 60 -4.06 -14.57 -7.41
C THR A 60 -5.23 -14.66 -6.42
N LYS A 61 -5.46 -15.85 -5.86
CA LYS A 61 -6.56 -16.03 -4.91
C LYS A 61 -6.08 -16.48 -3.54
N VAL A 62 -4.79 -16.40 -3.30
CA VAL A 62 -4.24 -16.78 -2.00
C VAL A 62 -4.18 -15.50 -1.17
N PRO A 63 -4.91 -15.47 -0.03
CA PRO A 63 -4.91 -14.27 0.81
C PRO A 63 -3.55 -13.99 1.45
N PHE A 64 -3.22 -12.71 1.59
CA PHE A 64 -1.97 -12.28 2.21
C PHE A 64 -2.23 -10.91 2.85
N CYS A 65 -1.45 -10.55 3.88
CA CYS A 65 -1.66 -9.28 4.55
C CYS A 65 -1.12 -8.06 3.81
N LEU A 66 -1.90 -7.00 3.79
CA LEU A 66 -1.51 -5.76 3.13
C LEU A 66 -0.22 -5.22 3.73
N GLN A 67 -0.12 -5.24 5.05
CA GLN A 67 1.05 -4.69 5.75
C GLN A 67 1.19 -3.23 5.32
N SER A 68 2.39 -2.81 4.91
CA SER A 68 2.57 -1.42 4.51
C SER A 68 1.76 -0.97 3.30
N CYS A 69 1.25 -1.92 2.52
CA CYS A 69 0.41 -1.57 1.37
C CYS A 69 -0.84 -0.83 1.81
N VAL A 70 -1.19 -0.97 3.09
CA VAL A 70 -2.38 -0.32 3.63
C VAL A 70 -2.14 1.16 3.92
N LYS A 71 -0.88 1.57 4.00
CA LYS A 71 -0.56 2.98 4.31
C LYS A 71 -1.20 4.01 3.38
N PRO A 72 -1.03 3.87 2.06
CA PRO A 72 -1.65 4.85 1.17
C PRO A 72 -3.18 4.81 1.26
N LEU A 73 -3.73 3.62 1.47
CA LEU A 73 -5.18 3.45 1.58
C LEU A 73 -5.74 4.19 2.79
N LYS A 74 -5.14 4.02 3.97
CA LYS A 74 -5.66 4.73 5.13
C LYS A 74 -5.35 6.22 5.07
N TYR A 75 -4.28 6.61 4.35
CA TYR A 75 -3.95 8.02 4.19
C TYR A 75 -5.03 8.64 3.31
N ALA A 76 -5.46 7.87 2.31
CA ALA A 76 -6.49 8.34 1.39
C ALA A 76 -7.80 8.56 2.14
N ILE A 77 -8.12 7.65 3.05
CA ILE A 77 -9.34 7.75 3.83
C ILE A 77 -9.30 9.00 4.70
N ALA A 78 -8.18 9.25 5.35
CA ALA A 78 -8.04 10.41 6.21
C ALA A 78 -8.26 11.71 5.44
N VAL A 79 -7.61 11.84 4.29
CA VAL A 79 -7.76 13.05 3.50
C VAL A 79 -9.19 13.18 2.99
N ASN A 80 -9.77 12.07 2.57
CA ASN A 80 -11.14 12.05 2.08
C ASN A 80 -12.09 12.63 3.12
N ASP A 81 -11.91 12.21 4.37
CA ASP A 81 -12.76 12.65 5.45
C ASP A 81 -12.38 13.96 6.12
N LEU A 82 -11.09 14.30 6.12
CA LEU A 82 -10.63 15.50 6.80
C LEU A 82 -10.03 16.61 5.95
N GLY A 83 -9.68 16.28 4.71
CA GLY A 83 -9.10 17.29 3.83
C GLY A 83 -7.58 17.35 3.96
N THR A 84 -6.94 17.80 2.90
CA THR A 84 -5.48 17.90 2.85
C THR A 84 -4.87 18.74 3.99
N GLU A 85 -5.35 19.97 4.12
CA GLU A 85 -4.85 20.90 5.13
C GLU A 85 -4.77 20.31 6.54
N TYR A 86 -5.87 19.74 7.03
CA TYR A 86 -5.90 19.17 8.37
C TYR A 86 -4.91 18.01 8.54
N VAL A 87 -4.97 17.04 7.65
CA VAL A 87 -4.08 15.88 7.75
C VAL A 87 -2.60 16.24 7.79
N HIS A 88 -2.17 17.16 6.93
CA HIS A 88 -0.76 17.52 6.90
C HIS A 88 -0.35 18.51 7.97
N ARG A 89 -1.24 18.67 8.93
CA ARG A 89 -0.98 19.53 10.07
C ARG A 89 -0.24 18.57 11.01
N TYR A 90 -0.44 17.27 10.81
CA TYR A 90 0.18 16.25 11.66
C TYR A 90 1.28 15.43 10.98
N VAL A 91 1.30 15.39 9.66
CA VAL A 91 2.31 14.62 8.94
C VAL A 91 2.85 15.38 7.74
N GLY A 92 4.12 15.16 7.42
CA GLY A 92 4.75 15.85 6.31
C GLY A 92 4.44 15.28 4.94
N LYS A 93 5.07 15.85 3.91
CA LYS A 93 4.87 15.43 2.53
C LYS A 93 6.21 15.23 1.85
N GLU A 94 7.29 15.28 2.63
CA GLU A 94 8.60 15.15 2.05
C GLU A 94 9.02 13.69 1.86
N PRO A 95 9.43 13.34 0.64
CA PRO A 95 9.85 12.03 0.18
C PRO A 95 11.28 11.70 0.51
N SER A 96 12.04 12.74 0.82
CA SER A 96 13.43 12.59 1.13
C SER A 96 13.67 12.04 2.52
N GLY A 97 14.93 11.68 2.75
CA GLY A 97 15.35 11.22 4.04
C GLY A 97 16.08 12.47 4.49
N LEU A 98 15.86 13.54 3.69
CA LEU A 98 16.41 14.89 3.85
C LEU A 98 17.78 14.97 4.55
N ARG A 99 17.81 14.46 5.77
CA ARG A 99 19.00 14.46 6.61
C ARG A 99 18.52 13.76 7.91
N PHE A 100 17.47 12.98 7.75
CA PHE A 100 16.85 12.24 8.83
C PHE A 100 16.78 10.72 8.58
N ASN A 101 17.95 10.09 8.45
CA ASN A 101 18.00 8.63 8.13
C ASN A 101 17.37 7.83 9.29
N LYS A 102 16.21 7.19 9.31
CA LYS A 102 15.89 6.60 10.52
C LYS A 102 15.42 7.38 11.63
N LEU A 103 15.18 8.65 11.45
CA LEU A 103 14.70 9.36 12.57
C LEU A 103 13.29 9.23 12.62
N PHE A 104 12.61 9.21 13.75
CA PHE A 104 11.16 9.08 13.69
C PHE A 104 10.46 10.38 13.29
N LEU A 105 11.11 11.52 13.49
CA LEU A 105 10.50 12.82 13.16
C LEU A 105 11.43 13.78 12.45
N ASN A 106 10.86 14.76 11.76
CA ASN A 106 11.69 15.76 11.08
C ASN A 106 11.96 16.89 12.07
N GLU A 107 12.65 17.94 11.62
CA GLU A 107 12.98 19.06 12.49
C GLU A 107 11.78 19.77 13.07
N ASP A 108 10.63 19.66 12.41
CA ASP A 108 9.41 20.29 12.91
C ASP A 108 8.62 19.35 13.83
N ASP A 109 9.26 18.25 14.23
CA ASP A 109 8.64 17.25 15.08
C ASP A 109 7.41 16.60 14.45
N LYS A 110 7.46 16.41 13.14
CA LYS A 110 6.39 15.76 12.40
C LYS A 110 6.95 14.59 11.62
N PRO A 111 6.17 13.50 11.50
CA PRO A 111 6.68 12.35 10.74
C PRO A 111 6.93 12.86 9.32
N HIS A 112 7.95 12.33 8.67
CA HIS A 112 8.31 12.77 7.32
C HIS A 112 7.21 12.71 6.27
N ASN A 113 6.48 11.60 6.23
CA ASN A 113 5.41 11.43 5.26
C ASN A 113 4.54 10.24 5.70
N PRO A 114 3.34 10.11 5.14
CA PRO A 114 2.42 9.03 5.50
C PRO A 114 2.90 7.62 5.15
N MET A 115 3.94 7.51 4.32
CA MET A 115 4.42 6.21 3.88
C MET A 115 5.45 5.49 4.76
N VAL A 116 5.87 6.10 5.85
CA VAL A 116 6.80 5.45 6.77
C VAL A 116 6.00 5.16 8.04
N ASN A 117 6.45 4.21 8.85
CA ASN A 117 5.71 3.83 10.05
C ASN A 117 5.21 4.97 10.96
N ALA A 118 6.11 5.86 11.38
CA ALA A 118 5.72 6.98 12.26
C ALA A 118 4.59 7.78 11.65
N GLY A 119 4.64 7.97 10.34
CA GLY A 119 3.61 8.74 9.67
C GLY A 119 2.30 7.97 9.60
N ALA A 120 2.39 6.65 9.36
CA ALA A 120 1.20 5.81 9.29
C ALA A 120 0.52 5.76 10.64
N ILE A 121 1.33 5.70 11.69
CA ILE A 121 0.80 5.68 13.07
C ILE A 121 0.03 6.97 13.37
N VAL A 122 0.58 8.10 12.96
CA VAL A 122 -0.10 9.38 13.19
C VAL A 122 -1.39 9.43 12.36
N VAL A 123 -1.31 9.02 11.10
CA VAL A 123 -2.49 9.03 10.25
C VAL A 123 -3.58 8.17 10.87
N THR A 124 -3.18 7.03 11.43
CA THR A 124 -4.13 6.14 12.07
C THR A 124 -4.87 6.81 13.22
N SER A 125 -4.21 7.75 13.89
CA SER A 125 -4.82 8.45 15.01
C SER A 125 -5.81 9.52 14.59
N LEU A 126 -5.84 9.85 13.30
CA LEU A 126 -6.75 10.90 12.81
C LEU A 126 -8.09 10.38 12.31
N ILE A 127 -8.15 9.09 11.98
CA ILE A 127 -9.37 8.49 11.43
C ILE A 127 -10.47 8.19 12.44
N LYS A 128 -11.67 8.67 12.14
CA LYS A 128 -12.84 8.42 12.96
C LYS A 128 -12.58 8.59 14.46
N GLN A 129 -12.07 9.76 14.84
CA GLN A 129 -11.75 10.04 16.24
C GLN A 129 -13.01 10.08 17.11
N GLY A 130 -12.88 9.67 18.36
CA GLY A 130 -14.02 9.71 19.26
C GLY A 130 -14.81 8.42 19.44
N VAL A 131 -14.61 7.43 18.57
CA VAL A 131 -15.32 6.16 18.69
C VAL A 131 -14.33 5.08 19.15
N ASN A 132 -14.84 3.95 19.62
CA ASN A 132 -13.96 2.89 20.07
C ASN A 132 -13.23 2.24 18.89
N ASN A 133 -12.16 1.52 19.20
CA ASN A 133 -11.35 0.86 18.19
C ASN A 133 -12.12 -0.09 17.30
N ALA A 134 -13.06 -0.85 17.88
CA ALA A 134 -13.85 -1.79 17.10
C ALA A 134 -14.66 -1.06 16.02
N GLU A 135 -15.16 0.11 16.36
CA GLU A 135 -15.96 0.90 15.43
C GLU A 135 -15.06 1.51 14.36
N LYS A 136 -13.84 1.90 14.75
CA LYS A 136 -12.89 2.47 13.79
C LYS A 136 -12.51 1.40 12.77
N PHE A 137 -12.21 0.21 13.29
CA PHE A 137 -11.83 -0.90 12.41
C PHE A 137 -12.94 -1.21 11.42
N ASP A 138 -14.18 -1.34 11.89
CA ASP A 138 -15.29 -1.66 10.99
C ASP A 138 -15.45 -0.58 9.92
N TYR A 139 -15.25 0.67 10.32
CA TYR A 139 -15.36 1.79 9.40
C TYR A 139 -14.37 1.65 8.23
N VAL A 140 -13.12 1.33 8.55
CA VAL A 140 -12.10 1.17 7.51
C VAL A 140 -12.35 -0.07 6.65
N MET A 141 -12.84 -1.14 7.27
CA MET A 141 -13.13 -2.37 6.55
C MET A 141 -14.20 -2.12 5.48
N GLN A 142 -15.21 -1.33 5.83
CA GLN A 142 -16.28 -1.01 4.90
C GLN A 142 -15.70 -0.19 3.76
N PHE A 143 -14.82 0.75 4.11
CA PHE A 143 -14.20 1.62 3.14
C PHE A 143 -13.39 0.79 2.13
N LEU A 144 -12.64 -0.17 2.65
CA LEU A 144 -11.84 -1.03 1.79
C LEU A 144 -12.74 -1.93 0.93
N ASN A 145 -13.89 -2.33 1.45
CA ASN A 145 -14.83 -3.16 0.70
C ASN A 145 -15.25 -2.36 -0.54
N LYS A 146 -15.57 -1.08 -0.36
CA LYS A 146 -15.99 -0.23 -1.47
C LYS A 146 -14.87 -0.06 -2.48
N MET A 147 -13.65 0.19 -1.99
CA MET A 147 -12.50 0.35 -2.86
C MET A 147 -12.29 -0.91 -3.70
N ALA A 148 -12.55 -2.06 -3.09
CA ALA A 148 -12.38 -3.33 -3.78
C ALA A 148 -13.63 -3.83 -4.49
N GLY A 149 -14.67 -2.99 -4.54
CA GLY A 149 -15.90 -3.39 -5.19
C GLY A 149 -16.43 -4.68 -4.59
N ASN A 150 -16.38 -4.76 -3.26
CA ASN A 150 -16.85 -5.91 -2.50
C ASN A 150 -16.13 -7.23 -2.65
N GLU A 151 -14.95 -7.23 -3.23
CA GLU A 151 -14.21 -8.46 -3.36
C GLU A 151 -13.42 -8.75 -2.08
N TYR A 152 -12.69 -9.86 -2.06
CA TYR A 152 -11.97 -10.30 -0.86
C TYR A 152 -11.22 -9.28 0.01
N VAL A 153 -11.69 -9.15 1.25
CA VAL A 153 -11.07 -8.28 2.23
C VAL A 153 -11.28 -8.98 3.57
N GLY A 154 -10.23 -9.63 4.05
CA GLY A 154 -10.33 -10.33 5.33
C GLY A 154 -9.41 -9.77 6.41
N PHE A 155 -9.12 -10.59 7.42
CA PHE A 155 -8.29 -10.17 8.54
C PHE A 155 -7.52 -11.34 9.14
N SER A 156 -6.23 -11.12 9.43
CA SER A 156 -5.39 -12.17 10.01
C SER A 156 -5.13 -11.88 11.50
N ASN A 157 -5.85 -12.57 12.36
CA ASN A 157 -5.68 -12.40 13.79
C ASN A 157 -4.31 -12.83 14.27
N ALA A 158 -3.78 -13.91 13.69
CA ALA A 158 -2.46 -14.42 14.05
C ALA A 158 -1.38 -13.39 13.75
N THR A 159 -1.50 -12.71 12.61
CA THR A 159 -0.52 -11.69 12.23
C THR A 159 -0.64 -10.54 13.22
N PHE A 160 -1.87 -10.10 13.48
CA PHE A 160 -2.12 -9.01 14.41
C PHE A 160 -1.50 -9.28 15.78
N GLN A 161 -1.75 -10.49 16.31
CA GLN A 161 -1.23 -10.86 17.61
C GLN A 161 0.30 -10.87 17.62
N SER A 162 0.92 -11.43 16.58
CA SER A 162 2.38 -11.49 16.50
C SER A 162 3.01 -10.11 16.24
N GLU A 163 2.33 -9.30 15.45
CA GLU A 163 2.82 -7.97 15.07
C GLU A 163 2.89 -7.10 16.33
N ARG A 164 1.83 -7.14 17.12
CA ARG A 164 1.76 -6.38 18.35
C ARG A 164 2.77 -6.89 19.39
N GLU A 165 2.94 -8.20 19.48
CA GLU A 165 3.85 -8.78 20.45
C GLU A 165 5.33 -8.60 20.16
N SER A 166 5.70 -8.43 18.89
CA SER A 166 7.10 -8.25 18.59
C SER A 166 7.42 -6.86 18.02
N GLY A 167 6.42 -5.98 17.99
CA GLY A 167 6.64 -4.65 17.44
C GLY A 167 7.26 -3.63 18.39
N ASP A 168 8.44 -3.96 18.94
CA ASP A 168 9.12 -3.06 19.85
C ASP A 168 9.43 -1.71 19.20
N ARG A 169 9.89 -1.73 17.95
CA ARG A 169 10.22 -0.49 17.28
C ARG A 169 8.99 0.41 17.11
N ASN A 170 7.85 -0.19 16.79
CA ASN A 170 6.63 0.62 16.63
C ASN A 170 6.18 1.20 17.97
N PHE A 171 6.45 0.49 19.06
CA PHE A 171 6.09 1.00 20.38
C PHE A 171 7.03 2.15 20.75
N ALA A 172 8.28 2.08 20.28
CA ALA A 172 9.26 3.13 20.56
C ALA A 172 8.82 4.39 19.80
N ILE A 173 8.34 4.17 18.58
CA ILE A 173 7.85 5.27 17.77
C ILE A 173 6.63 5.90 18.45
N GLY A 174 5.71 5.06 18.92
CA GLY A 174 4.53 5.55 19.59
C GLY A 174 4.83 6.42 20.81
N TYR A 175 5.77 5.99 21.65
CA TYR A 175 6.10 6.79 22.82
C TYR A 175 6.84 8.07 22.46
N TYR A 176 7.62 8.06 21.38
CA TYR A 176 8.31 9.27 20.98
C TYR A 176 7.31 10.29 20.42
N LEU A 177 6.34 9.82 19.63
CA LEU A 177 5.33 10.71 19.07
C LEU A 177 4.50 11.35 20.19
N LYS A 178 4.30 10.60 21.26
CA LYS A 178 3.54 11.07 22.42
C LYS A 178 4.39 12.17 23.10
N GLU A 179 5.69 11.91 23.21
CA GLU A 179 6.66 12.84 23.80
C GLU A 179 6.56 14.21 23.13
N LYS A 180 6.55 14.20 21.81
CA LYS A 180 6.50 15.41 21.02
C LYS A 180 5.10 15.90 20.67
N LYS A 181 4.09 15.42 21.39
CA LYS A 181 2.70 15.84 21.17
C LYS A 181 2.29 15.74 19.70
N CYS A 182 2.61 14.62 19.06
CA CYS A 182 2.29 14.43 17.65
C CYS A 182 0.85 14.00 17.36
N PHE A 183 0.15 13.53 18.40
CA PHE A 183 -1.22 13.05 18.22
C PHE A 183 -2.25 14.12 18.56
N PRO A 184 -3.46 13.99 18.02
CA PRO A 184 -4.51 14.97 18.31
C PRO A 184 -4.80 14.91 19.81
N GLU A 185 -5.28 16.02 20.36
CA GLU A 185 -5.61 16.09 21.78
C GLU A 185 -6.46 14.91 22.26
N GLY A 186 -6.07 14.30 23.37
CA GLY A 186 -6.84 13.19 23.93
C GLY A 186 -6.71 11.83 23.26
N THR A 187 -5.60 11.58 22.58
CA THR A 187 -5.40 10.31 21.92
C THR A 187 -4.83 9.26 22.88
N ASP A 188 -5.31 8.04 22.76
CA ASP A 188 -4.82 6.92 23.58
C ASP A 188 -3.79 6.25 22.66
N MET A 189 -2.52 6.62 22.83
CA MET A 189 -1.44 6.11 22.00
C MET A 189 -1.42 4.59 21.86
N VAL A 190 -1.42 3.88 23.00
CA VAL A 190 -1.40 2.42 22.97
C VAL A 190 -2.58 1.88 22.15
N GLY A 191 -3.76 2.46 22.33
CA GLY A 191 -4.93 2.03 21.59
C GLY A 191 -4.76 2.32 20.11
N ILE A 192 -4.00 3.35 19.77
CA ILE A 192 -3.77 3.67 18.37
C ILE A 192 -2.84 2.63 17.76
N LEU A 193 -1.86 2.16 18.53
CA LEU A 193 -0.94 1.15 18.04
C LEU A 193 -1.67 -0.15 17.70
N ASP A 194 -2.65 -0.53 18.52
CA ASP A 194 -3.42 -1.76 18.26
C ASP A 194 -4.14 -1.61 16.93
N PHE A 195 -4.78 -0.46 16.76
CA PHE A 195 -5.52 -0.19 15.53
C PHE A 195 -4.55 -0.27 14.35
N TYR A 196 -3.34 0.25 14.56
CA TYR A 196 -2.31 0.23 13.52
C TYR A 196 -1.91 -1.21 13.17
N PHE A 197 -1.70 -2.02 14.21
CA PHE A 197 -1.35 -3.42 14.00
C PHE A 197 -2.47 -4.16 13.27
N GLN A 198 -3.72 -3.82 13.62
CA GLN A 198 -4.87 -4.45 13.00
C GLN A 198 -4.94 -4.11 11.52
N LEU A 199 -4.72 -2.85 11.17
CA LEU A 199 -4.75 -2.42 9.77
C LEU A 199 -3.70 -3.14 8.93
N CYS A 200 -2.52 -3.35 9.50
CA CYS A 200 -1.45 -4.04 8.79
C CYS A 200 -1.81 -5.51 8.57
N SER A 201 -2.71 -6.01 9.42
CA SER A 201 -3.12 -7.41 9.37
C SER A 201 -4.35 -7.69 8.48
N ILE A 202 -4.85 -6.67 7.78
CA ILE A 202 -5.99 -6.88 6.90
C ILE A 202 -5.51 -7.69 5.70
N GLU A 203 -6.31 -8.69 5.31
CA GLU A 203 -5.95 -9.56 4.19
C GLU A 203 -6.68 -9.25 2.89
N VAL A 204 -6.00 -9.52 1.79
CA VAL A 204 -6.55 -9.33 0.45
C VAL A 204 -5.97 -10.41 -0.45
N THR A 205 -6.41 -10.40 -1.71
CA THR A 205 -5.88 -11.32 -2.71
C THR A 205 -5.40 -10.38 -3.81
N CYS A 206 -4.60 -10.88 -4.74
CA CYS A 206 -4.12 -10.03 -5.83
C CYS A 206 -5.32 -9.49 -6.57
N GLU A 207 -6.36 -10.30 -6.70
CA GLU A 207 -7.56 -9.88 -7.42
C GLU A 207 -8.32 -8.74 -6.77
N SER A 208 -8.59 -8.83 -5.47
CA SER A 208 -9.31 -7.75 -4.80
C SER A 208 -8.44 -6.49 -4.71
N ALA A 209 -7.16 -6.66 -4.39
CA ALA A 209 -6.26 -5.53 -4.26
C ALA A 209 -6.11 -4.78 -5.59
N SER A 210 -6.07 -5.53 -6.70
CA SER A 210 -5.94 -4.89 -8.00
C SER A 210 -7.11 -3.94 -8.24
N VAL A 211 -8.28 -4.28 -7.69
CA VAL A 211 -9.45 -3.43 -7.85
C VAL A 211 -9.29 -2.17 -7.01
N MET A 212 -8.68 -2.31 -5.85
CA MET A 212 -8.44 -1.16 -4.99
C MET A 212 -7.52 -0.20 -5.75
N ALA A 213 -6.46 -0.74 -6.35
CA ALA A 213 -5.52 0.07 -7.12
C ALA A 213 -6.22 0.73 -8.31
N ALA A 214 -7.11 -0.02 -8.96
CA ALA A 214 -7.84 0.49 -10.11
C ALA A 214 -8.71 1.66 -9.71
N THR A 215 -9.21 1.63 -8.47
CA THR A 215 -10.05 2.71 -7.96
C THR A 215 -9.21 3.99 -7.86
N LEU A 216 -7.95 3.85 -7.45
CA LEU A 216 -7.04 5.00 -7.34
C LEU A 216 -6.68 5.49 -8.73
N ALA A 217 -6.55 4.56 -9.66
CA ALA A 217 -6.22 4.89 -11.04
C ALA A 217 -7.41 5.54 -11.75
N ASN A 218 -8.61 5.31 -11.21
CA ASN A 218 -9.83 5.84 -11.81
C ASN A 218 -10.41 7.05 -11.07
N GLY A 219 -9.53 7.96 -10.66
CA GLY A 219 -9.96 9.16 -9.96
C GLY A 219 -10.79 9.01 -8.70
N GLY A 220 -10.78 7.83 -8.10
CA GLY A 220 -11.58 7.64 -6.89
C GLY A 220 -12.90 6.93 -7.10
N PHE A 221 -13.14 6.47 -8.32
CA PHE A 221 -14.36 5.72 -8.65
C PHE A 221 -14.03 4.24 -8.83
N CYS A 222 -14.75 3.37 -8.15
CA CYS A 222 -14.51 1.93 -8.28
C CYS A 222 -14.91 1.49 -9.68
N PRO A 223 -13.97 0.93 -10.45
CA PRO A 223 -14.21 0.47 -11.82
C PRO A 223 -15.32 -0.57 -12.00
N ILE A 224 -15.56 -1.41 -10.98
CA ILE A 224 -16.58 -2.44 -11.12
C ILE A 224 -17.91 -2.18 -10.43
N THR A 225 -18.11 -0.96 -9.90
CA THR A 225 -19.37 -0.61 -9.26
C THR A 225 -19.82 0.79 -9.66
N GLY A 226 -18.87 1.61 -10.12
CA GLY A 226 -19.17 2.96 -10.53
C GLY A 226 -19.32 3.95 -9.38
N GLU A 227 -19.23 3.48 -8.15
CA GLU A 227 -19.38 4.35 -7.00
C GLU A 227 -18.16 5.21 -6.69
N ARG A 228 -18.41 6.45 -6.26
CA ARG A 228 -17.34 7.37 -5.90
C ARG A 228 -16.94 6.94 -4.48
N VAL A 229 -15.70 6.46 -4.33
CA VAL A 229 -15.25 6.01 -3.03
C VAL A 229 -14.37 7.04 -2.32
N LEU A 230 -13.49 7.69 -3.09
CA LEU A 230 -12.60 8.70 -2.54
C LEU A 230 -12.71 10.01 -3.31
N SER A 231 -12.46 11.11 -2.63
CA SER A 231 -12.50 12.42 -3.26
C SER A 231 -11.31 12.55 -4.21
N PRO A 232 -11.43 13.43 -5.22
CA PRO A 232 -10.34 13.64 -6.18
C PRO A 232 -9.06 14.10 -5.45
N GLU A 233 -9.26 14.89 -4.41
CA GLU A 233 -8.16 15.41 -3.61
C GLU A 233 -7.40 14.26 -2.93
N ALA A 234 -8.15 13.33 -2.33
CA ALA A 234 -7.54 12.20 -1.66
C ALA A 234 -6.71 11.34 -2.61
N VAL A 235 -7.27 11.06 -3.79
CA VAL A 235 -6.57 10.25 -4.77
C VAL A 235 -5.29 10.91 -5.27
N ARG A 236 -5.37 12.19 -5.64
CA ARG A 236 -4.20 12.90 -6.13
C ARG A 236 -3.05 12.92 -5.11
N ASN A 237 -3.36 13.24 -3.85
CA ASN A 237 -2.36 13.29 -2.79
C ASN A 237 -1.71 11.92 -2.59
N THR A 238 -2.55 10.89 -2.53
CA THR A 238 -2.09 9.52 -2.33
C THR A 238 -1.14 9.08 -3.42
N LEU A 239 -1.49 9.37 -4.67
CA LEU A 239 -0.65 9.00 -5.79
C LEU A 239 0.68 9.76 -5.74
N SER A 240 0.62 11.06 -5.42
CA SER A 240 1.85 11.87 -5.37
C SER A 240 2.86 11.24 -4.40
N LEU A 241 2.39 10.93 -3.20
CA LEU A 241 3.23 10.33 -2.17
C LEU A 241 3.62 8.86 -2.43
N MET A 242 2.80 8.12 -3.17
CA MET A 242 3.17 6.74 -3.49
C MET A 242 4.31 6.83 -4.49
N HIS A 243 4.23 7.81 -5.37
CA HIS A 243 5.25 8.01 -6.38
C HIS A 243 6.62 8.30 -5.76
N SER A 244 6.63 9.13 -4.72
CA SER A 244 7.89 9.51 -4.08
C SER A 244 8.29 8.81 -2.78
N CYS A 245 7.37 8.11 -2.13
CA CYS A 245 7.72 7.47 -0.86
C CYS A 245 7.19 6.05 -0.68
N GLY A 246 6.66 5.45 -1.74
CA GLY A 246 6.06 4.13 -1.60
C GLY A 246 6.89 2.86 -1.71
N MET A 247 8.15 2.99 -2.14
CA MET A 247 8.99 1.82 -2.30
C MET A 247 10.24 1.83 -1.41
N TYR A 248 10.06 2.28 -0.17
CA TYR A 248 11.15 2.35 0.80
C TYR A 248 12.30 3.12 0.18
N ASP A 249 13.53 2.77 0.55
CA ASP A 249 14.68 3.49 0.03
C ASP A 249 14.94 3.24 -1.44
N PHE A 250 14.04 2.51 -2.09
CA PHE A 250 14.24 2.24 -3.52
C PHE A 250 13.39 3.23 -4.32
N SER A 251 12.56 4.01 -3.62
CA SER A 251 11.68 4.97 -4.27
C SER A 251 12.35 5.78 -5.37
N GLY A 252 13.59 6.24 -5.12
CA GLY A 252 14.31 7.02 -6.10
C GLY A 252 14.60 6.30 -7.40
N GLN A 253 15.17 5.10 -7.30
CA GLN A 253 15.47 4.30 -8.48
C GLN A 253 14.18 3.85 -9.14
N PHE A 254 13.16 3.62 -8.33
CA PHE A 254 11.88 3.17 -8.85
C PHE A 254 11.22 4.31 -9.62
N ALA A 255 11.23 5.51 -9.04
CA ALA A 255 10.62 6.68 -9.68
C ALA A 255 11.30 6.98 -11.03
N PHE A 256 12.62 6.83 -11.08
CA PHE A 256 13.38 7.10 -12.28
C PHE A 256 13.16 6.08 -13.39
N HIS A 257 13.25 4.79 -13.08
CA HIS A 257 13.09 3.74 -14.07
C HIS A 257 11.67 3.25 -14.34
N VAL A 258 10.79 3.32 -13.35
CA VAL A 258 9.41 2.86 -13.55
C VAL A 258 8.44 4.02 -13.71
N GLY A 259 8.61 5.06 -12.89
CA GLY A 259 7.76 6.23 -12.99
C GLY A 259 6.28 6.04 -12.76
N LEU A 260 5.93 5.14 -11.85
CA LEU A 260 4.54 4.89 -11.55
C LEU A 260 4.31 4.96 -10.05
N PRO A 261 3.10 5.31 -9.60
CA PRO A 261 2.82 5.37 -8.17
C PRO A 261 2.68 3.92 -7.69
N ALA A 262 3.37 3.56 -6.62
CA ALA A 262 3.31 2.20 -6.09
C ALA A 262 3.61 2.17 -4.61
N LYS A 263 3.23 1.08 -3.96
CA LYS A 263 3.46 0.88 -2.54
C LYS A 263 3.71 -0.59 -2.27
N SER A 264 4.85 -0.90 -1.69
CA SER A 264 5.19 -2.28 -1.37
C SER A 264 4.88 -2.60 0.10
N GLY A 265 4.94 -3.88 0.43
CA GLY A 265 4.68 -4.34 1.78
C GLY A 265 5.58 -5.54 2.04
N VAL A 266 5.85 -5.83 3.30
CA VAL A 266 6.73 -6.92 3.69
C VAL A 266 6.19 -8.32 3.38
N ALA A 267 4.89 -8.41 3.06
CA ALA A 267 4.30 -9.71 2.71
C ALA A 267 4.65 -10.06 1.27
N GLY A 268 5.26 -9.10 0.57
CA GLY A 268 5.66 -9.32 -0.82
C GLY A 268 4.72 -8.68 -1.85
N GLY A 269 3.74 -7.92 -1.38
CA GLY A 269 2.83 -7.28 -2.30
C GLY A 269 3.33 -5.94 -2.81
N ILE A 270 2.88 -5.57 -4.01
CA ILE A 270 3.22 -4.28 -4.60
C ILE A 270 1.97 -3.74 -5.28
N LEU A 271 1.38 -2.73 -4.65
CA LEU A 271 0.19 -2.07 -5.16
C LEU A 271 0.65 -1.08 -6.23
N LEU A 272 0.35 -1.36 -7.49
CA LEU A 272 0.77 -0.51 -8.61
C LEU A 272 -0.39 0.20 -9.28
N VAL A 273 -0.20 1.48 -9.57
CA VAL A 273 -1.23 2.28 -10.22
C VAL A 273 -0.73 2.94 -11.50
N VAL A 274 -1.49 2.77 -12.58
CA VAL A 274 -1.19 3.38 -13.87
C VAL A 274 -2.36 4.33 -14.07
N PRO A 275 -2.17 5.60 -13.70
CA PRO A 275 -3.20 6.64 -13.81
C PRO A 275 -4.04 6.58 -15.07
N ASN A 276 -5.36 6.60 -14.89
CA ASN A 276 -6.32 6.57 -15.99
C ASN A 276 -6.23 5.36 -16.90
N VAL A 277 -5.54 4.31 -16.46
CA VAL A 277 -5.42 3.12 -17.29
C VAL A 277 -5.81 1.85 -16.54
N MET A 278 -5.12 1.57 -15.44
CA MET A 278 -5.42 0.37 -14.66
C MET A 278 -4.77 0.36 -13.28
N GLY A 279 -5.19 -0.61 -12.48
CA GLY A 279 -4.65 -0.82 -11.16
C GLY A 279 -4.08 -2.22 -11.17
N MET A 280 -3.03 -2.46 -10.39
CA MET A 280 -2.42 -3.79 -10.34
C MET A 280 -1.93 -4.17 -8.97
N MET A 281 -1.84 -5.48 -8.76
CA MET A 281 -1.31 -6.02 -7.52
C MET A 281 -0.43 -7.21 -7.88
N CYS A 282 0.86 -7.06 -7.59
CA CYS A 282 1.84 -8.09 -7.84
C CYS A 282 2.17 -8.64 -6.46
N TRP A 283 2.35 -9.95 -6.35
CA TRP A 283 2.66 -10.53 -5.06
C TRP A 283 3.59 -11.71 -5.14
N SER A 284 4.65 -11.66 -4.34
CA SER A 284 5.61 -12.73 -4.26
C SER A 284 6.41 -12.45 -2.98
N PRO A 285 6.27 -13.33 -1.98
CA PRO A 285 6.92 -13.26 -0.66
C PRO A 285 8.42 -12.92 -0.56
N PRO A 286 9.26 -13.45 -1.47
CA PRO A 286 10.69 -13.14 -1.37
C PRO A 286 11.02 -11.65 -1.56
N LEU A 287 11.63 -11.05 -0.55
CA LEU A 287 11.96 -9.62 -0.60
C LEU A 287 13.45 -9.37 -0.81
N ASP A 288 13.78 -8.24 -1.42
CA ASP A 288 15.19 -7.88 -1.62
C ASP A 288 15.65 -7.08 -0.41
N LYS A 289 16.91 -6.63 -0.45
CA LYS A 289 17.52 -5.85 0.63
C LYS A 289 16.66 -4.68 1.08
N MET A 290 16.04 -4.00 0.11
CA MET A 290 15.18 -2.85 0.38
C MET A 290 13.84 -3.22 1.00
N GLY A 291 13.47 -4.49 0.93
CA GLY A 291 12.19 -4.91 1.48
C GLY A 291 11.11 -5.03 0.43
N ASN A 292 11.49 -4.92 -0.84
CA ASN A 292 10.52 -5.02 -1.94
C ASN A 292 10.57 -6.39 -2.58
N SER A 293 9.40 -6.87 -2.99
CA SER A 293 9.31 -8.18 -3.64
C SER A 293 10.21 -8.23 -4.87
N VAL A 294 11.10 -9.21 -4.92
CA VAL A 294 12.02 -9.35 -6.04
C VAL A 294 11.30 -9.54 -7.38
N LYS A 295 10.36 -10.49 -7.43
CA LYS A 295 9.62 -10.71 -8.67
C LYS A 295 8.82 -9.47 -9.03
N GLY A 296 8.23 -8.84 -8.04
CA GLY A 296 7.44 -7.65 -8.27
C GLY A 296 8.24 -6.53 -8.90
N ILE A 297 9.42 -6.27 -8.35
CA ILE A 297 10.29 -5.21 -8.89
C ILE A 297 10.64 -5.52 -10.34
N HIS A 298 11.04 -6.76 -10.62
CA HIS A 298 11.41 -7.17 -11.96
C HIS A 298 10.23 -6.96 -12.93
N PHE A 299 9.05 -7.44 -12.52
CA PHE A 299 7.86 -7.28 -13.33
C PHE A 299 7.55 -5.81 -13.63
N CYS A 300 7.66 -4.96 -12.62
CA CYS A 300 7.40 -3.53 -12.81
C CYS A 300 8.32 -2.89 -13.84
N HIS A 301 9.62 -3.18 -13.76
CA HIS A 301 10.57 -2.61 -14.71
C HIS A 301 10.25 -3.09 -16.13
N ASP A 302 9.95 -4.38 -16.28
CA ASP A 302 9.63 -4.97 -17.57
C ASP A 302 8.34 -4.40 -18.15
N LEU A 303 7.34 -4.20 -17.29
CA LEU A 303 6.06 -3.67 -17.72
C LEU A 303 6.20 -2.27 -18.35
N VAL A 304 7.00 -1.42 -17.73
CA VAL A 304 7.21 -0.07 -18.23
C VAL A 304 8.04 -0.03 -19.51
N SER A 305 9.06 -0.88 -19.58
CA SER A 305 9.91 -0.95 -20.77
C SER A 305 9.09 -1.36 -21.99
N LEU A 306 8.28 -2.40 -21.82
CA LEU A 306 7.47 -2.93 -22.88
C LEU A 306 6.29 -2.06 -23.30
N CYS A 307 5.46 -1.67 -22.34
CA CYS A 307 4.28 -0.87 -22.65
C CYS A 307 4.40 0.65 -22.56
N ASN A 308 5.58 1.14 -22.20
CA ASN A 308 5.79 2.58 -22.09
C ASN A 308 4.71 3.27 -21.25
N PHE A 309 4.62 2.84 -20.00
CA PHE A 309 3.66 3.38 -19.04
C PHE A 309 4.25 4.44 -18.12
N HIS A 310 5.57 4.66 -18.21
CA HIS A 310 6.27 5.64 -17.40
C HIS A 310 5.56 6.98 -17.50
N ASN A 311 5.36 7.64 -16.37
CA ASN A 311 4.67 8.94 -16.35
C ASN A 311 5.22 9.94 -17.38
N TYR A 312 6.52 9.85 -17.68
CA TYR A 312 7.11 10.77 -18.63
C TYR A 312 7.51 10.16 -19.96
N ASP A 313 6.81 9.11 -20.36
CA ASP A 313 7.08 8.46 -21.64
C ASP A 313 6.29 9.20 -22.72
#